data_6J62
#
_entry.id   6J62
#
_cell.length_a   108.113
_cell.length_b   37.766
_cell.length_c   72.531
_cell.angle_alpha   90.00
_cell.angle_beta   101.35
_cell.angle_gamma   90.00
#
_symmetry.space_group_name_H-M   'C 1 2 1'
#
loop_
_entity.id
_entity.type
_entity.pdbx_description
1 polymer 'Ubiquitin-like protein ISG15'
2 polymer 'Non-structural protein 1'
#
loop_
_entity_poly.entity_id
_entity_poly.type
_entity_poly.pdbx_seq_one_letter_code
_entity_poly.pdbx_strand_id
1 'polypeptide(L)'
;MAWDLKVKMLGGNDFLVSVTNSMTVSELKKQIAQKIGVPAFQQRLAHQTAVLQDGLTLSSLGLGPSSTVMLVVQNCSEPL
SILVRNERGHSNIYEVFLTQTVDTLKKKVSQREQVHEDQFWLSFEGRPMEDKELLGEYGLKPQCTVIKHLRLR
;
A
2 'polypeptide(L)'
;MADNMTTTQIEVGPGATNATINFEAGILECYERFSWQRALDYPGQDRLHRLKRKLESRIKTHNKSEPENKRMSLEERKAI
GVKMMKVLLFMDPSAGIEGFEPY
;
C
#
# COMPACT_ATOMS: atom_id res chain seq x y z
N ALA A 2 12.39 -14.95 -26.65
CA ALA A 2 11.73 -13.79 -26.05
C ALA A 2 10.30 -13.59 -26.54
N TRP A 3 9.40 -13.24 -25.63
CA TRP A 3 7.98 -13.20 -25.93
C TRP A 3 7.28 -12.22 -24.99
N ASP A 4 6.03 -11.92 -25.32
CA ASP A 4 5.24 -10.91 -24.64
C ASP A 4 4.24 -11.59 -23.69
N LEU A 5 3.93 -10.88 -22.60
CA LEU A 5 3.11 -11.42 -21.52
C LEU A 5 1.96 -10.48 -21.21
N LYS A 6 0.76 -11.05 -21.07
CA LYS A 6 -0.47 -10.28 -20.92
C LYS A 6 -0.71 -10.03 -19.42
N VAL A 7 -0.60 -8.76 -19.00
CA VAL A 7 -0.90 -8.35 -17.63
C VAL A 7 -2.24 -7.64 -17.60
N LYS A 8 -3.19 -8.20 -16.86
CA LYS A 8 -4.52 -7.60 -16.72
C LYS A 8 -4.64 -6.89 -15.38
N MET A 9 -5.28 -5.74 -15.38
CA MET A 9 -5.52 -5.00 -14.16
C MET A 9 -7.00 -4.97 -13.85
N LEU A 10 -7.27 -4.79 -12.56
CA LEU A 10 -8.63 -4.53 -12.14
C LEU A 10 -9.19 -3.35 -12.91
N GLY A 11 -10.46 -3.46 -13.28
CA GLY A 11 -11.04 -2.48 -14.15
C GLY A 11 -11.27 -3.15 -15.49
N GLY A 12 -10.23 -3.81 -15.98
CA GLY A 12 -10.34 -4.58 -17.18
C GLY A 12 -9.16 -4.39 -18.11
N ASN A 13 -8.56 -3.20 -18.06
CA ASN A 13 -7.47 -2.89 -18.97
C ASN A 13 -6.35 -3.91 -18.84
N ASP A 14 -5.63 -4.08 -19.94
CA ASP A 14 -4.50 -4.98 -20.01
C ASP A 14 -3.42 -4.35 -20.85
N PHE A 15 -2.24 -4.93 -20.77
CA PHE A 15 -1.10 -4.43 -21.52
C PHE A 15 -0.06 -5.55 -21.58
N LEU A 16 1.06 -5.26 -22.22
CA LEU A 16 1.99 -6.27 -22.68
C LEU A 16 3.39 -5.90 -22.26
N VAL A 17 4.10 -6.86 -21.68
CA VAL A 17 5.47 -6.70 -21.24
C VAL A 17 6.32 -7.77 -21.90
N SER A 18 7.56 -7.43 -22.23
CA SER A 18 8.47 -8.33 -22.91
C SER A 18 9.29 -9.10 -21.89
N VAL A 19 9.26 -10.43 -21.97
CA VAL A 19 9.81 -11.27 -20.93
C VAL A 19 10.58 -12.42 -21.58
N THR A 20 11.29 -13.18 -20.75
CA THR A 20 11.97 -14.40 -21.18
C THR A 20 11.67 -15.52 -20.21
N ASN A 21 11.81 -16.76 -20.69
CA ASN A 21 11.54 -17.93 -19.84
C ASN A 21 12.42 -17.96 -18.60
N SER A 22 13.50 -17.19 -18.59
CA SER A 22 14.43 -17.19 -17.49
C SER A 22 14.27 -15.97 -16.61
N MET A 23 13.36 -15.06 -16.97
CA MET A 23 13.15 -13.85 -16.21
C MET A 23 12.49 -14.19 -14.88
N THR A 24 12.95 -13.53 -13.82
CA THR A 24 12.35 -13.75 -12.52
C THR A 24 11.15 -12.84 -12.31
N VAL A 25 10.36 -13.17 -11.30
CA VAL A 25 9.23 -12.33 -10.95
C VAL A 25 9.73 -10.93 -10.59
N SER A 26 10.84 -10.85 -9.86
CA SER A 26 11.40 -9.54 -9.58
C SER A 26 11.74 -8.80 -10.88
N GLU A 27 12.50 -9.45 -11.75
CA GLU A 27 12.83 -8.81 -13.03
C GLU A 27 11.55 -8.42 -13.79
N LEU A 28 10.55 -9.29 -13.78
CA LEU A 28 9.28 -8.95 -14.39
C LEU A 28 8.62 -7.76 -13.70
N LYS A 29 8.60 -7.75 -12.36
CA LYS A 29 7.98 -6.63 -11.65
C LYS A 29 8.67 -5.33 -12.03
N LYS A 30 10.01 -5.31 -12.03
CA LYS A 30 10.74 -4.16 -12.53
C LYS A 30 10.31 -3.78 -13.94
N GLN A 31 10.10 -4.78 -14.81
CA GLN A 31 9.66 -4.48 -16.17
C GLN A 31 8.34 -3.73 -16.17
N ILE A 32 7.39 -4.22 -15.39
CA ILE A 32 6.12 -3.53 -15.23
C ILE A 32 6.32 -2.12 -14.68
N ALA A 33 7.23 -1.98 -13.71
CA ALA A 33 7.46 -0.64 -13.17
C ALA A 33 8.07 0.26 -14.23
N GLN A 34 8.96 -0.27 -15.07
CA GLN A 34 9.42 0.54 -16.19
C GLN A 34 8.26 0.88 -17.12
N LYS A 35 7.39 -0.10 -17.42
CA LYS A 35 6.42 0.09 -18.48
C LYS A 35 5.29 1.03 -18.07
N ILE A 36 4.80 0.97 -16.85
CA ILE A 36 3.69 1.86 -16.51
C ILE A 36 3.87 2.53 -15.15
N GLY A 37 5.08 2.47 -14.59
CA GLY A 37 5.42 3.36 -13.49
C GLY A 37 4.78 3.04 -12.15
N VAL A 38 4.31 1.82 -11.96
CA VAL A 38 3.84 1.37 -10.63
C VAL A 38 5.02 0.71 -9.94
N PRO A 39 5.61 1.32 -8.94
CA PRO A 39 6.72 0.71 -8.20
C PRO A 39 6.62 -0.79 -8.00
N ALA A 40 7.70 -1.51 -8.27
CA ALA A 40 7.70 -2.95 -8.06
C ALA A 40 7.13 -3.32 -6.68
N PHE A 41 7.53 -2.60 -5.65
CA PHE A 41 7.16 -3.00 -4.29
C PHE A 41 5.66 -2.94 -4.08
N GLN A 42 4.94 -2.18 -4.90
CA GLN A 42 3.49 -2.12 -4.83
C GLN A 42 2.81 -3.23 -5.62
N GLN A 43 3.55 -4.02 -6.39
CA GLN A 43 2.94 -4.98 -7.30
C GLN A 43 2.69 -6.29 -6.58
N ARG A 44 1.45 -6.73 -6.64
CA ARG A 44 1.10 -8.09 -6.27
C ARG A 44 0.65 -8.80 -7.55
N LEU A 45 1.42 -9.78 -7.97
CA LEU A 45 1.12 -10.53 -9.19
C LEU A 45 0.53 -11.88 -8.87
N ALA A 46 -0.41 -12.29 -9.71
CA ALA A 46 -1.02 -13.61 -9.60
C ALA A 46 -1.19 -14.23 -10.98
N HIS A 47 -1.31 -15.55 -10.97
CA HIS A 47 -1.48 -16.34 -12.16
C HIS A 47 -2.20 -17.62 -11.76
N GLN A 48 -3.36 -17.86 -12.35
CA GLN A 48 -4.20 -18.99 -11.94
C GLN A 48 -4.41 -18.96 -10.43
N THR A 49 -4.72 -17.77 -9.92
CA THR A 49 -5.05 -17.51 -8.52
C THR A 49 -3.87 -17.69 -7.57
N ALA A 50 -2.73 -18.16 -8.05
CA ALA A 50 -1.56 -18.28 -7.18
C ALA A 50 -0.77 -16.99 -7.23
N VAL A 51 -0.39 -16.50 -6.06
CA VAL A 51 0.45 -15.32 -6.00
C VAL A 51 1.86 -15.69 -6.40
N LEU A 52 2.50 -14.82 -7.17
CA LEU A 52 3.82 -15.09 -7.70
C LEU A 52 4.87 -14.55 -6.74
N GLN A 53 5.65 -15.43 -6.15
CA GLN A 53 6.76 -14.95 -5.35
C GLN A 53 7.91 -14.52 -6.23
N ASP A 54 8.69 -13.57 -5.73
CA ASP A 54 9.59 -12.77 -6.55
C ASP A 54 10.85 -13.53 -6.98
N GLY A 55 11.18 -14.63 -6.34
CA GLY A 55 12.40 -15.36 -6.65
C GLY A 55 12.39 -16.25 -7.88
N LEU A 56 11.27 -16.91 -8.17
CA LEU A 56 11.21 -17.97 -9.16
C LEU A 56 11.31 -17.45 -10.59
N THR A 57 11.69 -18.36 -11.49
CA THR A 57 11.75 -18.09 -12.92
C THR A 57 10.36 -18.22 -13.54
N LEU A 58 10.09 -17.38 -14.55
CA LEU A 58 8.77 -17.36 -15.18
C LEU A 58 8.43 -18.70 -15.82
N SER A 59 9.39 -19.34 -16.51
CA SER A 59 9.06 -20.63 -17.09
C SER A 59 8.84 -21.67 -15.99
N SER A 60 9.63 -21.62 -14.93
CA SER A 60 9.43 -22.56 -13.84
C SER A 60 8.08 -22.38 -13.17
N LEU A 61 7.48 -21.20 -13.30
CA LEU A 61 6.13 -20.96 -12.80
C LEU A 61 5.05 -21.25 -13.81
N GLY A 62 5.41 -21.84 -14.96
CA GLY A 62 4.41 -22.27 -15.91
C GLY A 62 3.84 -21.18 -16.77
N LEU A 63 4.46 -20.00 -16.77
CA LEU A 63 4.07 -18.92 -17.66
C LEU A 63 4.62 -19.15 -19.07
N GLY A 64 3.85 -18.73 -20.05
CA GLY A 64 4.25 -18.81 -21.43
C GLY A 64 3.49 -17.78 -22.21
N PRO A 65 3.72 -17.71 -23.53
CA PRO A 65 3.06 -16.67 -24.32
C PRO A 65 1.56 -16.78 -24.29
N SER A 66 1.01 -17.91 -23.89
CA SER A 66 -0.43 -18.03 -23.71
C SER A 66 -0.92 -17.39 -22.41
N SER A 67 -0.03 -17.19 -21.45
CA SER A 67 -0.45 -16.85 -20.10
C SER A 67 -1.01 -15.44 -20.00
N THR A 68 -1.86 -15.24 -18.99
CA THR A 68 -2.31 -13.94 -18.56
C THR A 68 -2.08 -13.84 -17.05
N VAL A 69 -1.43 -12.77 -16.62
CA VAL A 69 -1.05 -12.54 -15.23
C VAL A 69 -1.89 -11.39 -14.68
N MET A 70 -2.25 -11.47 -13.40
CA MET A 70 -3.13 -10.49 -12.76
C MET A 70 -2.32 -9.57 -11.85
N LEU A 71 -2.52 -8.28 -12.03
CA LEU A 71 -1.81 -7.26 -11.28
C LEU A 71 -2.79 -6.57 -10.36
N VAL A 72 -2.42 -6.47 -9.08
CA VAL A 72 -3.12 -5.63 -8.13
C VAL A 72 -2.10 -4.71 -7.49
N VAL A 73 -2.46 -3.44 -7.40
CA VAL A 73 -1.59 -2.42 -6.82
C VAL A 73 -1.95 -2.22 -5.35
N GLN A 74 -0.98 -2.42 -4.47
CA GLN A 74 -1.15 -2.18 -3.05
C GLN A 74 -0.31 -0.93 -2.76
N ASN A 75 -0.98 0.21 -2.65
CA ASN A 75 -0.32 1.45 -2.30
C ASN A 75 -0.55 1.70 -0.82
N CYS A 76 -0.42 2.95 -0.41
CA CYS A 76 -0.87 3.38 0.90
C CYS A 76 -0.78 4.90 0.97
N SER A 77 -1.80 5.52 1.54
CA SER A 77 -1.75 6.95 1.78
C SER A 77 -0.99 7.26 3.06
N GLU A 78 -1.16 6.42 4.08
CA GLU A 78 -0.71 6.74 5.41
C GLU A 78 0.81 6.68 5.50
N PRO A 79 1.43 7.60 6.23
CA PRO A 79 2.87 7.53 6.45
C PRO A 79 3.18 6.49 7.53
N LEU A 80 4.45 6.40 7.88
CA LEU A 80 4.87 5.50 8.95
C LEU A 80 6.07 6.09 9.65
N SER A 81 6.31 5.59 10.86
CA SER A 81 7.43 6.01 11.68
C SER A 81 8.50 4.93 11.63
N ILE A 82 9.75 5.36 11.51
CA ILE A 82 10.86 4.43 11.57
C ILE A 82 11.97 5.01 12.42
N LEU A 83 12.91 4.16 12.77
CA LEU A 83 14.07 4.55 13.52
C LEU A 83 15.27 4.60 12.60
N VAL A 84 16.19 5.51 12.88
CA VAL A 84 17.47 5.51 12.22
C VAL A 84 18.51 5.51 13.31
N ARG A 85 19.20 4.38 13.46
CA ARG A 85 20.16 4.17 14.53
C ARG A 85 21.54 4.59 14.02
N ASN A 86 22.04 5.71 14.53
CA ASN A 86 23.38 6.15 14.18
C ASN A 86 24.42 5.17 14.72
N GLU A 87 25.67 5.39 14.31
CA GLU A 87 26.76 4.46 14.65
C GLU A 87 26.94 4.32 16.16
N ARG A 88 26.58 5.34 16.93
CA ARG A 88 26.76 5.33 18.38
C ARG A 88 25.60 4.67 19.12
N GLY A 89 24.65 4.07 18.40
CA GLY A 89 23.55 3.42 19.07
C GLY A 89 22.44 4.32 19.55
N HIS A 90 22.37 5.58 19.06
CA HIS A 90 21.26 6.47 19.38
C HIS A 90 20.31 6.51 18.21
N SER A 91 19.11 5.97 18.41
CA SER A 91 18.16 6.02 17.33
C SER A 91 17.46 7.37 17.31
N ASN A 92 16.95 7.72 16.14
CA ASN A 92 16.08 8.89 15.98
C ASN A 92 14.87 8.48 15.16
N ILE A 93 13.73 9.09 15.50
CA ILE A 93 12.44 8.74 14.93
C ILE A 93 12.15 9.65 13.73
N TYR A 94 11.83 9.04 12.60
CA TYR A 94 11.49 9.78 11.40
C TYR A 94 10.17 9.30 10.84
N GLU A 95 9.44 10.24 10.22
CA GLU A 95 8.18 9.97 9.54
C GLU A 95 8.45 9.90 8.03
N VAL A 96 8.16 8.74 7.42
CA VAL A 96 8.44 8.52 6.00
C VAL A 96 7.21 7.97 5.30
N PHE A 97 7.13 8.24 3.99
CA PHE A 97 6.21 7.58 3.09
C PHE A 97 6.97 6.57 2.24
N LEU A 98 6.36 5.42 1.96
CA LEU A 98 7.08 4.40 1.20
C LEU A 98 7.34 4.83 -0.25
N THR A 99 6.52 5.72 -0.81
CA THR A 99 6.76 6.28 -2.13
C THR A 99 7.84 7.36 -2.14
N GLN A 100 8.35 7.78 -0.99
CA GLN A 100 9.42 8.75 -1.01
C GLN A 100 10.74 8.06 -1.37
N THR A 101 11.70 8.87 -1.83
CA THR A 101 13.00 8.36 -2.21
C THR A 101 13.89 8.17 -0.98
N VAL A 102 14.82 7.23 -1.09
CA VAL A 102 15.91 7.16 -0.14
C VAL A 102 16.59 8.51 -0.01
N ASP A 103 16.56 9.31 -1.07
CA ASP A 103 17.26 10.58 -1.02
C ASP A 103 16.55 11.56 -0.09
N THR A 104 15.22 11.62 -0.15
CA THR A 104 14.51 12.56 0.69
C THR A 104 14.66 12.20 2.17
N LEU A 105 14.74 10.91 2.48
CA LEU A 105 15.00 10.48 3.85
C LEU A 105 16.39 10.89 4.30
N LYS A 106 17.38 10.65 3.45
CA LYS A 106 18.75 11.09 3.71
C LYS A 106 18.80 12.57 4.05
N LYS A 107 17.90 13.37 3.48
CA LYS A 107 17.83 14.80 3.78
C LYS A 107 17.27 15.03 5.17
N LYS A 108 16.18 14.33 5.54
CA LYS A 108 15.66 14.50 6.88
C LYS A 108 16.73 14.17 7.91
N VAL A 109 17.60 13.22 7.57
CA VAL A 109 18.67 12.83 8.46
C VAL A 109 19.80 13.84 8.41
N SER A 110 20.09 14.35 7.22
CA SER A 110 21.07 15.42 7.10
C SER A 110 20.64 16.63 7.92
N GLN A 111 19.37 17.05 7.80
CA GLN A 111 18.87 18.13 8.64
C GLN A 111 19.04 17.77 10.11
N ARG A 112 18.50 16.63 10.52
CA ARG A 112 18.42 16.34 11.95
C ARG A 112 19.79 16.06 12.56
N GLU A 113 20.61 15.23 11.92
CA GLU A 113 21.91 14.89 12.50
C GLU A 113 23.04 15.79 12.02
N GLN A 114 22.71 16.83 11.25
CA GLN A 114 23.66 17.87 10.85
C GLN A 114 24.92 17.27 10.22
N VAL A 115 24.68 16.45 9.20
CA VAL A 115 25.75 15.79 8.47
C VAL A 115 25.46 15.94 6.98
N HIS A 116 26.48 16.32 6.20
CA HIS A 116 26.37 16.31 4.74
C HIS A 116 25.80 14.96 4.29
N GLU A 117 24.99 15.00 3.24
CA GLU A 117 24.48 13.75 2.70
C GLU A 117 25.59 12.87 2.14
N ASP A 118 26.64 13.48 1.57
CA ASP A 118 27.76 12.73 1.00
C ASP A 118 28.53 11.94 2.03
N GLN A 119 28.36 12.24 3.31
CA GLN A 119 29.22 11.67 4.32
C GLN A 119 28.64 10.41 4.94
N PHE A 120 27.44 10.02 4.54
CA PHE A 120 26.85 8.83 5.12
C PHE A 120 25.97 8.15 4.08
N TRP A 121 25.60 6.91 4.39
CA TRP A 121 24.67 6.16 3.59
C TRP A 121 23.89 5.24 4.51
N LEU A 122 22.79 4.66 4.01
CA LEU A 122 21.89 3.91 4.85
C LEU A 122 21.78 2.46 4.38
N SER A 123 21.39 1.60 5.31
CA SER A 123 21.21 0.18 5.05
C SER A 123 19.99 -0.32 5.79
N PHE A 124 19.38 -1.37 5.23
CA PHE A 124 18.23 -2.01 5.88
C PHE A 124 18.40 -3.51 5.85
N GLU A 125 18.65 -4.09 7.01
CA GLU A 125 18.88 -5.53 7.15
C GLU A 125 19.98 -5.98 6.19
N GLY A 126 21.06 -5.21 6.17
CA GLY A 126 22.22 -5.49 5.32
C GLY A 126 22.12 -4.91 3.93
N ARG A 127 20.95 -4.99 3.32
CA ARG A 127 20.74 -4.43 2.00
C ARG A 127 21.01 -2.93 2.01
N PRO A 128 22.05 -2.45 1.32
CA PRO A 128 22.28 -1.01 1.26
C PRO A 128 21.17 -0.32 0.49
N MET A 129 20.98 0.96 0.78
CA MET A 129 19.88 1.73 0.20
C MET A 129 20.42 2.82 -0.70
N GLU A 130 19.92 2.86 -1.93
CA GLU A 130 20.41 3.82 -2.91
C GLU A 130 19.48 5.01 -3.03
N ASP A 131 20.08 6.19 -3.22
CA ASP A 131 19.38 7.45 -3.07
C ASP A 131 18.13 7.50 -3.94
N LYS A 132 18.26 7.13 -5.21
CA LYS A 132 17.21 7.32 -6.20
C LYS A 132 16.04 6.34 -6.03
N GLU A 133 16.27 5.18 -5.44
CA GLU A 133 15.22 4.18 -5.29
C GLU A 133 14.22 4.59 -4.21
N LEU A 134 13.03 4.00 -4.28
CA LEU A 134 11.98 4.31 -3.32
C LEU A 134 12.16 3.54 -2.01
N LEU A 135 11.68 4.16 -0.92
CA LEU A 135 11.86 3.55 0.41
C LEU A 135 11.13 2.24 0.52
N GLY A 136 10.00 2.09 -0.18
CA GLY A 136 9.28 0.84 -0.19
C GLY A 136 10.04 -0.32 -0.80
N GLU A 137 11.07 -0.03 -1.61
CA GLU A 137 11.78 -1.12 -2.27
C GLU A 137 12.48 -2.02 -1.27
N TYR A 138 12.72 -1.55 -0.05
CA TYR A 138 13.51 -2.29 0.91
C TYR A 138 12.66 -2.93 2.00
N GLY A 139 11.35 -2.85 1.89
CA GLY A 139 10.49 -3.54 2.83
C GLY A 139 10.37 -2.89 4.19
N LEU A 140 10.60 -1.59 4.29
CA LEU A 140 10.42 -0.90 5.56
C LEU A 140 9.02 -1.16 6.11
N LYS A 141 8.93 -1.38 7.41
CA LYS A 141 7.68 -1.55 8.11
C LYS A 141 7.62 -0.59 9.29
N PRO A 142 6.42 -0.25 9.76
CA PRO A 142 6.30 0.74 10.84
C PRO A 142 7.17 0.38 12.03
N GLN A 143 7.89 1.38 12.54
CA GLN A 143 8.77 1.27 13.70
C GLN A 143 9.97 0.35 13.46
N CYS A 144 10.31 0.07 12.20
CA CYS A 144 11.51 -0.70 11.93
C CYS A 144 12.75 0.20 12.06
N THR A 145 13.92 -0.42 12.04
CA THR A 145 15.17 0.27 12.34
C THR A 145 16.06 0.26 11.12
N VAL A 146 16.43 1.44 10.66
CA VAL A 146 17.40 1.63 9.60
C VAL A 146 18.71 2.01 10.26
N ILE A 147 19.81 1.53 9.71
CA ILE A 147 21.12 1.84 10.26
C ILE A 147 21.78 2.90 9.41
N LYS A 148 22.44 3.85 10.06
CA LYS A 148 23.19 4.89 9.37
C LYS A 148 24.68 4.57 9.44
N HIS A 149 25.34 4.56 8.29
CA HIS A 149 26.73 4.20 8.17
C HIS A 149 27.53 5.44 7.80
N LEU A 150 28.71 5.58 8.38
CA LEU A 150 29.51 6.80 8.23
C LEU A 150 30.72 6.54 7.34
N ARG A 151 31.47 7.62 7.09
CA ARG A 151 32.55 7.57 6.12
C ARG A 151 33.80 8.28 6.65
N GLN B 9 -38.15 2.18 2.15
CA GLN B 9 -37.50 2.95 3.20
C GLN B 9 -37.42 2.17 4.51
N ILE B 10 -36.35 1.42 4.68
CA ILE B 10 -36.29 0.41 5.75
C ILE B 10 -36.10 1.10 7.10
N GLU B 11 -36.93 0.71 8.06
CA GLU B 11 -36.85 1.23 9.42
C GLU B 11 -35.57 0.73 10.10
N VAL B 12 -34.93 1.62 10.86
CA VAL B 12 -33.72 1.28 11.60
C VAL B 12 -33.82 1.85 13.01
N GLY B 13 -33.10 1.22 13.95
CA GLY B 13 -32.93 1.79 15.26
C GLY B 13 -31.84 2.85 15.27
N PRO B 14 -31.57 3.39 16.46
CA PRO B 14 -30.46 4.33 16.61
C PRO B 14 -29.13 3.60 16.69
N GLY B 15 -28.06 4.35 16.53
CA GLY B 15 -26.77 3.76 16.33
C GLY B 15 -26.53 3.24 14.92
N ALA B 16 -27.59 2.98 14.15
CA ALA B 16 -27.42 2.85 12.71
C ALA B 16 -26.66 4.04 12.17
N THR B 17 -26.66 5.16 12.91
CA THR B 17 -25.75 6.26 12.67
C THR B 17 -24.29 5.82 12.77
N ASN B 18 -23.93 5.19 13.89
CA ASN B 18 -22.58 4.68 14.05
C ASN B 18 -22.28 3.58 13.03
N ALA B 19 -23.24 2.67 12.83
CA ALA B 19 -23.04 1.58 11.88
C ALA B 19 -22.81 2.13 10.48
N THR B 20 -23.60 3.14 10.09
CA THR B 20 -23.48 3.74 8.78
C THR B 20 -22.20 4.56 8.67
N ILE B 21 -21.78 5.21 9.75
CA ILE B 21 -20.48 5.84 9.67
C ILE B 21 -19.41 4.78 9.46
N ASN B 22 -19.51 3.66 10.18
CA ASN B 22 -18.55 2.57 10.01
C ASN B 22 -18.64 1.99 8.60
N PHE B 23 -19.85 1.78 8.12
CA PHE B 23 -20.01 1.21 6.79
C PHE B 23 -19.34 2.09 5.77
N GLU B 24 -19.73 3.37 5.76
CA GLU B 24 -19.23 4.28 4.76
C GLU B 24 -17.72 4.46 4.87
N ALA B 25 -17.17 4.35 6.06
CA ALA B 25 -15.72 4.37 6.18
C ALA B 25 -15.12 3.26 5.35
N GLY B 26 -15.61 2.04 5.53
CA GLY B 26 -15.16 0.93 4.70
C GLY B 26 -15.34 1.21 3.22
N ILE B 27 -16.46 1.86 2.87
CA ILE B 27 -16.71 2.25 1.48
C ILE B 27 -15.61 3.17 0.98
N LEU B 28 -15.17 4.13 1.81
CA LEU B 28 -14.08 5.02 1.44
C LEU B 28 -12.81 4.24 1.12
N GLU B 29 -12.45 3.25 1.94
CA GLU B 29 -11.22 2.49 1.71
C GLU B 29 -11.28 1.67 0.44
N CYS B 30 -12.49 1.28 0.00
CA CYS B 30 -12.61 0.61 -1.29
C CYS B 30 -12.30 1.57 -2.44
N TYR B 31 -12.84 2.79 -2.38
CA TYR B 31 -12.43 3.83 -3.32
C TYR B 31 -10.93 4.04 -3.27
N GLU B 32 -10.37 4.18 -2.07
CA GLU B 32 -8.94 4.39 -1.97
C GLU B 32 -8.19 3.30 -2.74
N ARG B 33 -8.54 2.04 -2.48
CA ARG B 33 -7.84 0.94 -3.12
C ARG B 33 -8.13 0.88 -4.62
N PHE B 34 -9.36 1.14 -5.03
CA PHE B 34 -9.71 1.12 -6.44
C PHE B 34 -8.90 2.15 -7.22
N SER B 35 -8.69 3.33 -6.62
CA SER B 35 -7.98 4.40 -7.31
C SER B 35 -6.54 4.00 -7.59
N TRP B 36 -5.93 3.26 -6.67
CA TRP B 36 -4.57 2.76 -6.86
C TRP B 36 -4.47 1.90 -8.11
N GLN B 37 -5.50 1.14 -8.43
CA GLN B 37 -5.40 0.35 -9.66
C GLN B 37 -5.50 1.23 -10.88
N ARG B 38 -5.62 2.54 -10.67
CA ARG B 38 -5.69 3.52 -11.74
C ARG B 38 -6.92 3.27 -12.60
N ALA B 39 -8.02 2.85 -11.98
CA ALA B 39 -9.24 2.59 -12.72
C ALA B 39 -10.39 3.51 -12.32
N LEU B 40 -10.18 4.36 -11.33
CA LEU B 40 -11.17 5.36 -10.93
C LEU B 40 -11.02 6.57 -11.84
N ASP B 41 -12.10 6.95 -12.51
CA ASP B 41 -12.00 8.10 -13.39
C ASP B 41 -11.93 9.39 -12.58
N TYR B 42 -11.71 10.50 -13.30
CA TYR B 42 -11.55 11.79 -12.63
C TYR B 42 -12.78 12.24 -11.88
N PRO B 43 -14.01 12.11 -12.39
CA PRO B 43 -15.17 12.47 -11.54
C PRO B 43 -15.30 11.59 -10.33
N GLY B 44 -15.12 10.28 -10.48
CA GLY B 44 -15.13 9.41 -9.32
C GLY B 44 -14.10 9.82 -8.30
N GLN B 45 -12.97 10.38 -8.75
CA GLN B 45 -11.92 10.73 -7.81
C GLN B 45 -12.33 11.90 -6.94
N ASP B 46 -13.10 12.85 -7.51
CA ASP B 46 -13.69 13.92 -6.71
C ASP B 46 -14.66 13.36 -5.69
N ARG B 47 -15.46 12.36 -6.09
CA ARG B 47 -16.43 11.77 -5.14
C ARG B 47 -15.69 11.20 -3.94
N LEU B 48 -14.54 10.59 -4.19
CA LEU B 48 -13.69 10.10 -3.11
C LEU B 48 -13.24 11.26 -2.22
N HIS B 49 -12.81 12.36 -2.83
CA HIS B 49 -12.39 13.52 -2.04
C HIS B 49 -13.54 14.03 -1.18
N ARG B 50 -14.67 14.35 -1.81
CA ARG B 50 -15.86 14.78 -1.09
C ARG B 50 -16.19 13.82 0.04
N LEU B 51 -16.23 12.53 -0.27
CA LEU B 51 -16.66 11.52 0.69
C LEU B 51 -15.76 11.50 1.92
N LYS B 52 -14.43 11.53 1.73
CA LYS B 52 -13.50 11.61 2.84
C LYS B 52 -13.81 12.79 3.75
N ARG B 53 -14.05 13.97 3.18
CA ARG B 53 -14.25 15.14 4.03
C ARG B 53 -15.60 15.08 4.75
N LYS B 54 -16.68 14.75 4.03
CA LYS B 54 -17.98 14.59 4.68
C LYS B 54 -17.93 13.60 5.82
N LEU B 55 -17.02 12.63 5.74
CA LEU B 55 -16.96 11.59 6.75
C LEU B 55 -16.24 12.09 8.00
N GLU B 56 -15.07 12.72 7.82
CA GLU B 56 -14.33 13.21 8.97
C GLU B 56 -15.16 14.22 9.76
N SER B 57 -15.88 15.10 9.07
CA SER B 57 -16.87 15.93 9.75
C SER B 57 -17.86 15.09 10.52
N ARG B 58 -18.48 14.12 9.85
CA ARG B 58 -19.45 13.28 10.55
C ARG B 58 -18.79 12.47 11.65
N ILE B 59 -17.51 12.15 11.51
CA ILE B 59 -16.83 11.40 12.55
C ILE B 59 -16.58 12.27 13.77
N LYS B 60 -16.00 13.46 13.57
CA LYS B 60 -15.75 14.39 14.68
C LYS B 60 -17.02 14.63 15.48
N THR B 61 -18.08 15.07 14.80
CA THR B 61 -19.38 15.25 15.45
C THR B 61 -19.77 14.04 16.28
N HIS B 62 -19.89 12.87 15.63
CA HIS B 62 -20.23 11.64 16.35
C HIS B 62 -19.22 11.35 17.46
N ASN B 63 -17.97 11.75 17.29
CA ASN B 63 -17.01 11.53 18.36
C ASN B 63 -17.27 12.40 19.58
N LYS B 64 -18.38 13.14 19.65
CA LYS B 64 -18.68 14.01 20.78
C LYS B 64 -19.84 13.49 21.63
N SER B 65 -20.96 13.14 21.02
CA SER B 65 -22.03 12.49 21.77
C SER B 65 -21.68 11.04 22.06
N GLU B 66 -20.40 10.70 22.01
CA GLU B 66 -19.95 9.36 22.29
C GLU B 66 -19.06 9.37 23.53
N PRO B 67 -19.28 8.43 24.44
CA PRO B 67 -18.34 8.27 25.56
C PRO B 67 -16.89 8.23 25.06
N GLU B 68 -16.01 8.93 25.80
CA GLU B 68 -14.63 9.11 25.35
C GLU B 68 -13.91 7.79 25.12
N ASN B 69 -14.27 6.73 25.84
CA ASN B 69 -13.68 5.42 25.60
C ASN B 69 -14.10 4.86 24.24
N LYS B 70 -15.27 5.27 23.74
CA LYS B 70 -15.79 4.81 22.45
C LYS B 70 -15.62 5.85 21.34
N ARG B 71 -14.49 6.56 21.33
CA ARG B 71 -14.16 7.49 20.25
C ARG B 71 -13.19 6.78 19.31
N MET B 72 -13.65 6.51 18.09
CA MET B 72 -12.83 5.83 17.10
C MET B 72 -12.45 6.77 15.97
N SER B 73 -11.20 6.67 15.54
CA SER B 73 -10.69 7.48 14.45
C SER B 73 -11.25 7.01 13.11
N LEU B 74 -11.06 7.84 12.10
CA LEU B 74 -11.36 7.44 10.73
C LEU B 74 -10.69 6.11 10.40
N GLU B 75 -9.46 5.93 10.85
CA GLU B 75 -8.70 4.74 10.49
C GLU B 75 -9.29 3.50 11.12
N GLU B 76 -9.57 3.54 12.42
CA GLU B 76 -10.18 2.39 13.08
C GLU B 76 -11.54 2.07 12.51
N ARG B 77 -12.30 3.09 12.12
CA ARG B 77 -13.61 2.83 11.55
C ARG B 77 -13.48 2.15 10.20
N LYS B 78 -12.45 2.50 9.42
CA LYS B 78 -12.18 1.83 8.15
C LYS B 78 -12.04 0.32 8.34
N ALA B 79 -11.28 -0.08 9.37
CA ALA B 79 -11.13 -1.50 9.64
C ALA B 79 -12.48 -2.14 9.93
N ILE B 80 -13.42 -1.39 10.46
CA ILE B 80 -14.71 -1.99 10.79
C ILE B 80 -15.57 -2.11 9.54
N GLY B 81 -15.62 -1.04 8.74
CA GLY B 81 -16.26 -1.13 7.44
C GLY B 81 -15.78 -2.33 6.65
N VAL B 82 -14.47 -2.49 6.56
CA VAL B 82 -13.90 -3.53 5.70
C VAL B 82 -14.42 -4.90 6.10
N LYS B 83 -14.50 -5.19 7.40
CA LYS B 83 -15.01 -6.49 7.81
C LYS B 83 -16.51 -6.61 7.53
N MET B 84 -17.25 -5.49 7.62
CA MET B 84 -18.66 -5.51 7.23
C MET B 84 -18.80 -5.89 5.76
N MET B 85 -18.07 -5.19 4.90
CA MET B 85 -18.14 -5.49 3.49
C MET B 85 -17.75 -6.92 3.21
N LYS B 86 -16.74 -7.44 3.92
CA LYS B 86 -16.38 -8.82 3.71
C LYS B 86 -17.51 -9.75 4.06
N VAL B 87 -18.41 -9.34 4.95
CA VAL B 87 -19.56 -10.19 5.24
C VAL B 87 -20.59 -10.07 4.13
N LEU B 88 -20.87 -8.84 3.71
CA LEU B 88 -21.91 -8.59 2.74
C LEU B 88 -21.57 -9.20 1.39
N LEU B 89 -20.32 -9.07 0.98
CA LEU B 89 -19.93 -9.43 -0.36
C LEU B 89 -19.99 -10.93 -0.57
N PHE B 90 -19.62 -11.71 0.43
CA PHE B 90 -19.74 -13.15 0.33
C PHE B 90 -21.02 -13.66 0.95
N MET B 91 -21.86 -12.76 1.45
CA MET B 91 -22.96 -13.12 2.33
C MET B 91 -22.47 -14.16 3.32
N ASP B 92 -21.66 -13.74 4.28
CA ASP B 92 -20.99 -14.69 5.16
C ASP B 92 -20.45 -14.00 6.40
N PRO B 93 -20.90 -14.41 7.59
CA PRO B 93 -20.28 -13.92 8.83
C PRO B 93 -18.92 -14.55 9.12
N SER B 94 -18.52 -15.57 8.36
CA SER B 94 -17.17 -16.12 8.52
C SER B 94 -16.13 -15.07 8.17
N ALA B 95 -16.22 -14.48 6.96
CA ALA B 95 -15.30 -13.41 6.57
C ALA B 95 -15.35 -12.28 7.59
N GLY B 96 -14.32 -11.43 7.59
CA GLY B 96 -14.22 -10.42 8.63
C GLY B 96 -13.71 -10.93 9.96
N ILE B 97 -13.33 -12.20 10.03
CA ILE B 97 -12.80 -12.78 11.26
C ILE B 97 -11.30 -12.56 11.35
N GLU B 98 -10.54 -13.10 10.39
CA GLU B 98 -9.10 -12.92 10.22
C GLU B 98 -8.62 -13.75 9.03
N GLY B 99 -9.31 -14.87 8.76
CA GLY B 99 -8.94 -15.75 7.65
C GLY B 99 -10.10 -16.32 6.88
N PHE B 100 -10.28 -15.88 5.63
CA PHE B 100 -11.35 -16.38 4.80
C PHE B 100 -10.81 -16.94 3.48
#